data_1K7K
#
_entry.id   1K7K
#
_cell.length_a   78.180
_cell.length_b   78.180
_cell.length_c   80.400
_cell.angle_alpha   90.00
_cell.angle_beta   90.00
_cell.angle_gamma   90.00
#
_symmetry.space_group_name_H-M   'P 43 21 2'
#
loop_
_entity.id
_entity.type
_entity.pdbx_description
1 polymer 'Hypothetical protein yggV'
2 water water
#
_entity_poly.entity_id   1
_entity_poly.type   'polypeptide(L)'
_entity_poly.pdbx_seq_one_letter_code
;MGSSHHHHHHSSGRENLYFQGH(MSE)QKVVLATGNVGKVRELASLLSDFGLDIVAQTDLGVDSAEETGLTFIENAILKA
RHAAKVTALPAIADDSGLAVDVLGGAPGIYSARYSGEDATDQKNLQKLLET(MSE)KDVPDDQRQARFHCVLVYLRHAED
PTPLVCHGSWPGVITREPAGTGGFGYDPIFFVPSEGKTAAELTREEKSAISHRGQALKLLLDALRNGGS
;
_entity_poly.pdbx_strand_id   A
#
# COMPACT_ATOMS: atom_id res chain seq x y z
N SER A 11 -13.37 -15.64 -5.39
CA SER A 11 -14.14 -16.37 -4.34
C SER A 11 -14.92 -15.41 -3.42
N SER A 12 -14.36 -14.24 -3.14
CA SER A 12 -15.11 -13.18 -2.48
C SER A 12 -16.60 -13.23 -2.79
N GLY A 13 -17.38 -12.80 -1.80
CA GLY A 13 -18.83 -12.81 -1.85
C GLY A 13 -19.39 -11.53 -2.41
N ARG A 14 -20.72 -11.44 -2.42
CA ARG A 14 -21.38 -10.25 -2.93
C ARG A 14 -21.13 -8.99 -2.12
N GLU A 15 -21.33 -7.82 -2.72
CA GLU A 15 -21.14 -6.56 -1.98
C GLU A 15 -19.94 -5.72 -2.43
N ASN A 16 -19.03 -6.29 -3.20
CA ASN A 16 -17.87 -5.55 -3.65
C ASN A 16 -18.02 -4.84 -5.01
N LEU A 17 -18.99 -5.29 -5.82
CA LEU A 17 -19.26 -4.69 -7.12
C LEU A 17 -20.75 -4.40 -7.23
N TYR A 18 -21.14 -3.31 -7.89
CA TYR A 18 -22.56 -3.08 -8.19
C TYR A 18 -23.11 -4.16 -9.17
N PHE A 19 -24.32 -4.63 -8.91
CA PHE A 19 -24.96 -5.56 -9.86
C PHE A 19 -26.12 -4.88 -10.62
N HIS A 22 -26.30 0.75 -12.05
N HIS A 22 -26.48 0.30 -9.89
CA HIS A 22 -25.92 1.89 -11.25
CA HIS A 22 -25.35 0.66 -10.73
C HIS A 22 -24.58 1.66 -10.55
C HIS A 22 -24.27 1.70 -10.86
N MSE A 23 -24.07 2.69 -9.89
N MSE A 23 -24.01 2.24 -9.69
CA MSE A 23 -22.74 2.57 -9.28
CA MSE A 23 -22.69 2.71 -9.31
C MSE A 23 -22.76 2.56 -7.75
C MSE A 23 -22.78 2.64 -7.81
O MSE A 23 -23.58 3.22 -7.14
O MSE A 23 -23.68 3.22 -7.21
CB MSE A 23 -21.87 3.74 -9.74
CB MSE A 23 -22.29 4.12 -9.72
CG MSE A 23 -21.74 3.90 -11.28
CG MSE A 23 -22.94 4.71 -10.90
SE MSE A 23 -20.38 5.25 -11.78
SE MSE A 23 -21.59 5.59 -11.96
CE MSE A 23 -18.88 4.17 -12.10
CE MSE A 23 -21.14 4.00 -13.14
N GLN A 24 -21.85 1.81 -7.13
N GLN A 24 -21.88 1.87 -7.19
CA GLN A 24 -21.71 1.84 -5.67
CA GLN A 24 -21.76 1.86 -5.72
C GLN A 24 -20.56 2.77 -5.31
C GLN A 24 -20.57 2.75 -5.29
N LYS A 25 -20.85 3.73 -4.44
CA LYS A 25 -19.80 4.63 -3.96
C LYS A 25 -18.96 3.89 -2.91
N VAL A 26 -17.62 4.00 -2.99
CA VAL A 26 -16.71 3.34 -2.08
C VAL A 26 -15.68 4.38 -1.63
N VAL A 27 -15.42 4.42 -0.34
CA VAL A 27 -14.46 5.37 0.19
C VAL A 27 -13.08 4.73 0.23
N LEU A 28 -12.09 5.47 -0.23
CA LEU A 28 -10.70 5.04 -0.14
C LEU A 28 -10.06 5.77 1.04
N ALA A 29 -9.44 5.02 1.93
CA ALA A 29 -8.96 5.58 3.20
C ALA A 29 -7.65 6.36 3.08
N THR A 30 -7.75 7.47 2.39
CA THR A 30 -6.62 8.32 2.13
C THR A 30 -7.13 9.63 1.68
N GLY A 31 -6.24 10.61 1.62
CA GLY A 31 -6.62 11.87 1.02
C GLY A 31 -5.80 12.08 -0.22
N ASN A 32 -4.97 11.09 -0.57
N ASN A 32 -5.00 11.05 -0.54
CA ASN A 32 -4.08 11.23 -1.73
CA ASN A 32 -4.02 11.12 -1.60
C ASN A 32 -4.87 11.29 -3.02
C ASN A 32 -4.60 11.02 -2.99
N VAL A 33 -4.78 12.42 -3.68
N VAL A 33 -4.87 12.20 -3.53
CA VAL A 33 -5.49 12.59 -4.92
CA VAL A 33 -5.53 12.39 -4.82
C VAL A 33 -5.07 11.55 -5.97
C VAL A 33 -5.07 11.50 -5.94
N GLY A 34 -3.77 11.35 -6.12
CA GLY A 34 -3.25 10.43 -7.13
C GLY A 34 -3.68 8.99 -6.91
N LYS A 35 -3.68 8.54 -5.67
CA LYS A 35 -4.13 7.18 -5.37
C LYS A 35 -5.61 7.04 -5.60
N VAL A 36 -6.38 8.08 -5.30
CA VAL A 36 -7.81 8.04 -5.56
C VAL A 36 -8.04 8.02 -7.05
N ARG A 37 -7.39 8.93 -7.77
CA ARG A 37 -7.52 8.92 -9.21
C ARG A 37 -7.06 7.55 -9.74
N GLU A 38 -6.02 6.98 -9.16
CA GLU A 38 -5.49 5.68 -9.60
C GLU A 38 -6.50 4.56 -9.41
N LEU A 39 -7.13 4.49 -8.27
CA LEU A 39 -8.08 3.42 -8.05
C LEU A 39 -9.40 3.73 -8.72
N ALA A 40 -9.79 5.02 -8.76
CA ALA A 40 -11.09 5.40 -9.29
C ALA A 40 -11.11 4.99 -10.70
N SER A 41 -10.03 5.29 -11.41
CA SER A 41 -9.97 4.90 -12.81
C SER A 41 -10.03 3.38 -12.98
N LEU A 42 -9.31 2.65 -12.13
N LEU A 42 -9.29 2.65 -12.14
CA LEU A 42 -9.24 1.19 -12.26
CA LEU A 42 -9.20 1.17 -12.22
C LEU A 42 -10.51 0.44 -11.91
C LEU A 42 -10.54 0.49 -11.97
N LEU A 43 -11.28 0.99 -10.98
CA LEU A 43 -12.51 0.35 -10.55
C LEU A 43 -13.81 0.91 -11.12
N SER A 44 -13.73 2.01 -11.87
CA SER A 44 -14.92 2.60 -12.46
C SER A 44 -15.63 1.62 -13.42
N ASP A 45 -14.84 0.71 -14.01
N ASP A 45 -14.84 0.73 -14.00
CA ASP A 45 -15.34 -0.31 -14.95
CA ASP A 45 -15.32 -0.28 -14.94
C ASP A 45 -16.32 -1.23 -14.24
C ASP A 45 -16.30 -1.21 -14.26
N PHE A 46 -15.97 -1.56 -13.02
N PHE A 46 -15.98 -1.53 -13.02
CA PHE A 46 -16.75 -2.45 -12.18
CA PHE A 46 -16.76 -2.45 -12.21
C PHE A 46 -17.93 -1.73 -11.53
C PHE A 46 -17.93 -1.72 -11.54
N GLY A 47 -18.16 -0.47 -11.94
CA GLY A 47 -19.26 0.31 -11.40
C GLY A 47 -19.01 0.94 -10.04
N LEU A 48 -17.75 1.01 -9.67
CA LEU A 48 -17.33 1.52 -8.34
C LEU A 48 -16.98 2.97 -8.48
N ASP A 49 -17.57 3.82 -7.63
CA ASP A 49 -17.31 5.25 -7.63
C ASP A 49 -16.44 5.51 -6.40
N ILE A 50 -15.12 5.61 -6.63
CA ILE A 50 -14.12 5.76 -5.60
C ILE A 50 -13.99 7.18 -5.20
N VAL A 51 -14.15 7.42 -3.90
CA VAL A 51 -13.96 8.76 -3.34
C VAL A 51 -13.01 8.80 -2.13
N ALA A 52 -12.16 9.84 -2.04
CA ALA A 52 -11.23 10.02 -0.94
C ALA A 52 -11.97 10.26 0.36
N GLN A 53 -11.47 9.70 1.47
CA GLN A 53 -12.12 9.82 2.77
C GLN A 53 -12.10 11.30 3.16
N THR A 54 -11.09 12.02 2.72
CA THR A 54 -10.99 13.45 3.06
C THR A 54 -12.13 14.26 2.42
N ASP A 55 -12.49 13.92 1.17
CA ASP A 55 -13.62 14.55 0.49
C ASP A 55 -14.86 14.42 1.37
N LEU A 56 -15.02 13.28 2.03
CA LEU A 56 -16.14 13.01 2.91
C LEU A 56 -15.96 13.46 4.37
N GLY A 57 -14.89 14.19 4.66
CA GLY A 57 -14.68 14.70 6.01
C GLY A 57 -14.18 13.72 7.04
N VAL A 58 -13.57 12.61 6.62
CA VAL A 58 -13.03 11.64 7.56
C VAL A 58 -11.61 12.08 7.97
N ASP A 59 -11.32 12.10 9.26
CA ASP A 59 -9.95 12.33 9.75
C ASP A 59 -9.17 11.01 9.85
N SER A 60 -7.84 11.06 9.73
CA SER A 60 -7.02 9.84 9.74
C SER A 60 -7.19 9.03 11.00
N ALA A 61 -7.22 7.71 10.84
CA ALA A 61 -7.30 6.78 11.97
C ALA A 61 -5.97 6.71 12.70
N GLU A 62 -5.97 6.38 13.99
CA GLU A 62 -4.70 6.05 14.66
C GLU A 62 -4.23 4.67 14.20
N GLU A 63 -3.04 4.56 13.61
CA GLU A 63 -2.52 3.30 13.08
C GLU A 63 -1.80 2.46 14.12
N THR A 64 -2.59 1.63 14.78
CA THR A 64 -2.24 0.94 15.98
C THR A 64 -1.77 -0.51 15.65
N GLY A 65 -1.95 -0.93 14.41
CA GLY A 65 -1.67 -2.30 14.10
C GLY A 65 -0.20 -2.68 14.14
N LEU A 66 0.06 -3.97 14.33
CA LEU A 66 1.43 -4.52 14.35
C LEU A 66 1.75 -5.27 13.08
N THR A 67 0.82 -5.26 12.12
CA THR A 67 1.05 -5.80 10.81
C THR A 67 0.44 -4.89 9.78
N PHE A 68 0.93 -4.99 8.55
CA PHE A 68 0.32 -4.22 7.47
C PHE A 68 -1.16 -4.55 7.34
N ILE A 69 -1.53 -5.82 7.41
CA ILE A 69 -2.93 -6.22 7.31
C ILE A 69 -3.74 -5.58 8.41
N GLU A 70 -3.31 -5.70 9.67
CA GLU A 70 -4.08 -5.05 10.72
C GLU A 70 -4.24 -3.54 10.51
N ASN A 71 -3.24 -2.84 10.04
CA ASN A 71 -3.36 -1.43 9.80
C ASN A 71 -4.34 -1.11 8.69
N ALA A 72 -4.29 -1.92 7.65
CA ALA A 72 -5.17 -1.68 6.50
C ALA A 72 -6.60 -1.88 6.96
N ILE A 73 -6.85 -2.94 7.70
CA ILE A 73 -8.22 -3.18 8.17
C ILE A 73 -8.70 -2.05 9.08
N LEU A 74 -7.84 -1.59 9.99
CA LEU A 74 -8.27 -0.50 10.87
C LEU A 74 -8.62 0.75 10.11
N LYS A 75 -7.86 1.04 9.06
CA LYS A 75 -8.07 2.25 8.29
C LYS A 75 -9.36 2.12 7.49
N ALA A 76 -9.57 0.94 6.91
CA ALA A 76 -10.82 0.75 6.19
C ALA A 76 -12.01 0.83 7.13
N ARG A 77 -11.90 0.20 8.30
CA ARG A 77 -12.99 0.15 9.23
C ARG A 77 -13.38 1.58 9.63
N HIS A 78 -12.39 2.43 9.92
CA HIS A 78 -12.69 3.76 10.35
C HIS A 78 -13.40 4.57 9.27
N ALA A 79 -12.91 4.46 8.04
CA ALA A 79 -13.56 5.15 6.92
C ALA A 79 -15.00 4.65 6.76
N ALA A 80 -15.18 3.35 6.78
CA ALA A 80 -16.52 2.74 6.65
C ALA A 80 -17.46 3.20 7.74
N LYS A 81 -16.96 3.24 8.96
CA LYS A 81 -17.77 3.60 10.08
C LYS A 81 -18.25 5.04 9.98
N VAL A 82 -17.38 5.96 9.64
CA VAL A 82 -17.70 7.39 9.62
C VAL A 82 -18.60 7.76 8.41
N THR A 83 -18.50 6.98 7.34
CA THR A 83 -19.25 7.31 6.12
C THR A 83 -20.45 6.42 5.83
N ALA A 84 -20.58 5.29 6.50
CA ALA A 84 -21.59 4.25 6.16
C ALA A 84 -21.42 3.71 4.74
N LEU A 85 -20.22 3.81 4.18
CA LEU A 85 -19.92 3.29 2.82
C LEU A 85 -18.95 2.13 2.92
N PRO A 86 -18.93 1.25 1.91
CA PRO A 86 -17.90 0.25 1.83
C PRO A 86 -16.59 0.99 1.67
N ALA A 87 -15.50 0.38 2.15
CA ALA A 87 -14.20 1.06 2.16
C ALA A 87 -13.04 0.20 1.70
N ILE A 88 -12.07 0.84 1.05
CA ILE A 88 -10.84 0.21 0.65
C ILE A 88 -9.72 0.98 1.35
N ALA A 89 -8.68 0.27 1.79
CA ALA A 89 -7.56 0.91 2.42
C ALA A 89 -6.34 0.08 2.18
N ASP A 90 -5.16 0.66 2.37
CA ASP A 90 -3.96 -0.11 2.30
C ASP A 90 -3.00 0.30 3.40
N ASP A 91 -2.00 -0.54 3.58
CA ASP A 91 -0.85 -0.18 4.41
C ASP A 91 0.35 -0.83 3.78
N SER A 92 1.48 -0.14 3.79
CA SER A 92 2.62 -0.54 3.04
C SER A 92 3.87 -0.28 3.86
N GLY A 93 4.93 -0.96 3.47
CA GLY A 93 6.24 -0.76 4.14
C GLY A 93 7.30 -1.67 3.64
N LEU A 94 8.48 -1.52 4.23
CA LEU A 94 9.68 -2.28 3.86
C LEU A 94 10.02 -3.25 4.98
N ALA A 95 10.17 -4.52 4.65
CA ALA A 95 10.53 -5.57 5.62
C ALA A 95 11.85 -6.21 5.26
N VAL A 96 12.82 -6.13 6.16
CA VAL A 96 14.18 -6.65 5.91
C VAL A 96 14.36 -7.97 6.62
N ASP A 97 14.75 -9.02 5.92
CA ASP A 97 14.77 -10.34 6.56
C ASP A 97 15.66 -10.39 7.81
N VAL A 98 16.88 -9.90 7.67
CA VAL A 98 17.82 -10.02 8.78
C VAL A 98 17.42 -9.23 10.02
N LEU A 99 16.51 -8.28 9.85
CA LEU A 99 16.02 -7.47 10.94
C LEU A 99 14.66 -7.96 11.39
N GLY A 100 14.28 -9.19 11.03
CA GLY A 100 13.00 -9.72 11.47
C GLY A 100 11.78 -9.03 10.92
N GLY A 101 11.93 -8.39 9.77
CA GLY A 101 10.86 -7.64 9.15
C GLY A 101 10.82 -6.15 9.40
N ALA A 102 11.72 -5.66 10.26
CA ALA A 102 11.82 -4.22 10.44
C ALA A 102 12.32 -3.60 9.14
N PRO A 103 12.08 -2.34 8.87
CA PRO A 103 11.27 -1.40 9.68
C PRO A 103 9.81 -1.79 9.79
N GLY A 104 9.28 -2.54 8.82
CA GLY A 104 7.92 -3.04 8.95
C GLY A 104 6.90 -1.94 9.07
N ILE A 105 6.02 -2.08 10.07
CA ILE A 105 5.00 -1.09 10.29
C ILE A 105 5.57 0.22 10.82
N TYR A 106 6.86 0.26 11.16
CA TYR A 106 7.49 1.51 11.55
C TYR A 106 8.20 2.20 10.34
N SER A 107 7.94 1.73 9.14
CA SER A 107 8.64 2.20 7.95
C SER A 107 8.60 3.74 7.81
N ALA A 108 7.41 4.31 7.93
CA ALA A 108 7.30 5.75 7.71
C ALA A 108 7.92 6.58 8.83
N ARG A 109 7.95 6.03 10.04
N ARG A 109 7.94 6.03 10.04
CA ARG A 109 8.46 6.78 11.20
CA ARG A 109 8.41 6.76 11.23
C ARG A 109 9.66 6.08 11.84
C ARG A 109 9.65 6.07 11.84
N TYR A 110 10.42 5.39 11.01
CA TYR A 110 11.53 4.61 11.49
C TYR A 110 12.49 5.38 12.33
N SER A 111 12.81 6.60 11.91
CA SER A 111 13.80 7.40 12.66
C SER A 111 13.19 8.23 13.77
C SER A 111 13.24 8.30 13.76
N GLY A 112 12.04 7.79 14.27
N GLY A 112 11.94 8.21 14.05
CA GLY A 112 11.45 8.39 15.44
CA GLY A 112 11.34 8.98 15.15
C GLY A 112 10.76 9.70 15.17
C GLY A 112 10.16 9.91 14.84
N GLU A 113 10.70 10.57 16.16
N GLU A 113 9.89 10.82 15.79
CA GLU A 113 9.99 11.80 15.96
CA GLU A 113 8.80 11.80 15.67
C GLU A 113 10.74 12.63 14.95
C GLU A 113 9.12 12.84 14.59
N ASP A 114 10.04 13.44 14.19
N ASP A 114 10.42 13.03 14.36
CA ASP A 114 10.73 14.23 13.19
CA ASP A 114 10.98 14.00 13.43
C ASP A 114 11.36 13.37 12.08
C ASP A 114 11.36 13.35 12.08
N ALA A 115 10.85 12.16 11.87
CA ALA A 115 11.33 11.37 10.75
C ALA A 115 11.12 12.04 9.39
N THR A 116 12.09 11.80 8.50
CA THR A 116 11.95 12.14 7.10
C THR A 116 12.43 10.91 6.31
N ASP A 117 12.14 10.87 5.01
CA ASP A 117 12.62 9.75 4.18
C ASP A 117 14.11 9.54 4.25
N GLN A 118 14.86 10.61 4.14
CA GLN A 118 16.27 10.53 4.16
C GLN A 118 16.83 10.03 5.50
N LYS A 119 16.32 10.56 6.60
CA LYS A 119 16.77 10.10 7.92
C LYS A 119 16.38 8.63 8.12
N ASN A 120 15.20 8.27 7.68
CA ASN A 120 14.80 6.86 7.73
C ASN A 120 15.77 5.96 6.94
N LEU A 121 16.10 6.33 5.72
CA LEU A 121 16.99 5.45 4.92
C LEU A 121 18.39 5.45 5.48
N GLN A 122 18.82 6.60 6.00
CA GLN A 122 20.13 6.63 6.59
C GLN A 122 20.19 5.76 7.84
N LYS A 123 19.12 5.71 8.60
CA LYS A 123 19.09 4.90 9.82
C LYS A 123 19.12 3.41 9.44
N LEU A 124 18.44 3.06 8.36
CA LEU A 124 18.46 1.67 7.90
C LEU A 124 19.88 1.28 7.42
N LEU A 125 20.54 2.15 6.69
CA LEU A 125 21.91 1.86 6.31
C LEU A 125 22.81 1.65 7.51
N GLU A 126 22.67 2.53 8.51
CA GLU A 126 23.46 2.38 9.71
C GLU A 126 23.15 1.04 10.42
N THR A 127 21.88 0.70 10.52
CA THR A 127 21.46 -0.49 11.18
C THR A 127 22.05 -1.71 10.44
N MSE A 128 22.20 -1.61 9.13
CA MSE A 128 22.64 -2.73 8.31
C MSE A 128 24.10 -2.72 7.95
O MSE A 128 24.52 -3.54 7.17
CB MSE A 128 21.77 -2.83 7.06
CB MSE A 128 21.88 -2.66 6.99
CG MSE A 128 20.30 -3.10 7.37
CG MSE A 128 20.39 -2.66 7.11
SE MSE A 128 19.24 -3.39 5.83
SE MSE A 128 19.85 -4.47 7.30
CE MSE A 128 20.09 -5.05 5.12
CE MSE A 128 20.09 -5.03 5.40
N LYS A 129 24.88 -1.81 8.51
CA LYS A 129 26.21 -1.63 8.00
C LYS A 129 27.08 -2.86 8.07
N ASP A 130 26.82 -3.74 9.04
CA ASP A 130 27.64 -4.95 9.14
C ASP A 130 26.97 -6.23 8.64
N VAL A 131 25.85 -6.09 7.97
CA VAL A 131 25.18 -7.26 7.37
C VAL A 131 25.92 -7.61 6.04
N PRO A 132 26.36 -8.84 5.90
CA PRO A 132 27.09 -9.26 4.70
C PRO A 132 26.22 -9.09 3.46
N ASP A 133 26.90 -8.86 2.33
CA ASP A 133 26.28 -8.57 1.06
C ASP A 133 25.21 -9.54 0.61
N ASP A 134 25.32 -10.82 0.97
CA ASP A 134 24.36 -11.80 0.51
C ASP A 134 23.25 -12.04 1.47
N GLN A 135 23.18 -11.21 2.53
CA GLN A 135 22.13 -11.37 3.53
C GLN A 135 21.25 -10.13 3.67
N ARG A 136 21.26 -9.30 2.64
CA ARG A 136 20.55 -8.01 2.66
C ARG A 136 19.17 -8.04 1.95
N GLN A 137 18.57 -9.21 1.86
CA GLN A 137 17.25 -9.38 1.27
C GLN A 137 16.21 -8.53 1.98
N ALA A 138 15.28 -7.99 1.20
CA ALA A 138 14.15 -7.25 1.74
C ALA A 138 13.00 -7.29 0.77
N ARG A 139 11.79 -6.98 1.25
CA ARG A 139 10.64 -6.87 0.37
C ARG A 139 9.86 -5.65 0.75
N PHE A 140 9.39 -4.93 -0.26
CA PHE A 140 8.32 -3.97 -0.04
C PHE A 140 7.02 -4.76 -0.05
N HIS A 141 6.10 -4.33 0.80
CA HIS A 141 4.77 -4.91 0.92
C HIS A 141 3.69 -3.85 0.79
N CYS A 142 2.61 -4.22 0.08
CA CYS A 142 1.37 -3.42 0.04
C CYS A 142 0.23 -4.36 0.32
N VAL A 143 -0.48 -4.09 1.39
CA VAL A 143 -1.67 -4.87 1.69
C VAL A 143 -2.90 -3.98 1.53
N LEU A 144 -3.75 -4.38 0.60
CA LEU A 144 -4.98 -3.68 0.28
C LEU A 144 -6.14 -4.46 0.79
N VAL A 145 -7.08 -3.81 1.45
CA VAL A 145 -8.27 -4.47 1.92
C VAL A 145 -9.53 -3.77 1.48
N TYR A 146 -10.57 -4.54 1.33
CA TYR A 146 -11.87 -4.01 0.91
C TYR A 146 -12.93 -4.57 1.86
N LEU A 147 -13.52 -3.69 2.68
CA LEU A 147 -14.52 -3.99 3.66
C LEU A 147 -15.91 -3.56 3.18
N ARG A 148 -16.89 -4.43 3.34
CA ARG A 148 -18.25 -4.08 2.89
C ARG A 148 -18.97 -3.08 3.80
N HIS A 149 -18.61 -3.11 5.09
CA HIS A 149 -19.11 -2.19 6.10
C HIS A 149 -18.19 -2.32 7.30
N ALA A 150 -18.33 -1.49 8.30
CA ALA A 150 -17.37 -1.45 9.40
C ALA A 150 -17.25 -2.76 10.15
N GLU A 151 -18.32 -3.53 10.16
CA GLU A 151 -18.43 -4.81 10.88
C GLU A 151 -18.28 -6.07 10.01
N ASP A 152 -17.91 -5.89 8.76
CA ASP A 152 -17.75 -7.03 7.84
C ASP A 152 -16.68 -7.97 8.42
N PRO A 153 -17.01 -9.22 8.71
CA PRO A 153 -16.01 -10.12 9.32
C PRO A 153 -15.03 -10.75 8.32
N THR A 154 -15.25 -10.53 7.05
CA THR A 154 -14.47 -11.16 6.00
C THR A 154 -14.07 -10.18 4.87
N PRO A 155 -13.29 -9.17 5.18
CA PRO A 155 -12.85 -8.31 4.12
C PRO A 155 -12.05 -9.07 3.09
N LEU A 156 -12.06 -8.59 1.86
CA LEU A 156 -11.13 -9.04 0.83
C LEU A 156 -9.72 -8.49 1.16
N VAL A 157 -8.70 -9.34 1.03
CA VAL A 157 -7.30 -8.96 1.24
C VAL A 157 -6.46 -9.24 -0.03
N CYS A 158 -5.65 -8.28 -0.38
CA CYS A 158 -4.84 -8.40 -1.57
C CYS A 158 -3.44 -7.99 -1.13
N HIS A 159 -2.51 -8.93 -1.05
CA HIS A 159 -1.16 -8.62 -0.56
C HIS A 159 -0.16 -8.74 -1.65
N GLY A 160 0.35 -7.60 -2.08
CA GLY A 160 1.44 -7.57 -3.03
C GLY A 160 2.77 -7.39 -2.34
N SER A 161 3.74 -8.04 -2.92
CA SER A 161 5.11 -7.87 -2.45
C SER A 161 6.10 -7.75 -3.56
N TRP A 162 7.27 -7.24 -3.26
CA TRP A 162 8.26 -6.99 -4.26
C TRP A 162 9.65 -7.18 -3.66
N PRO A 163 10.37 -8.22 -4.05
CA PRO A 163 11.68 -8.45 -3.46
C PRO A 163 12.82 -7.64 -4.02
N GLY A 164 13.80 -7.38 -3.17
CA GLY A 164 14.98 -6.70 -3.56
C GLY A 164 16.08 -6.91 -2.53
N VAL A 165 17.09 -6.06 -2.63
CA VAL A 165 18.31 -6.14 -1.80
C VAL A 165 18.63 -4.74 -1.34
N ILE A 166 18.96 -4.54 -0.06
CA ILE A 166 19.32 -3.21 0.40
C ILE A 166 20.75 -2.88 0.00
N THR A 167 20.94 -1.72 -0.60
CA THR A 167 22.27 -1.28 -0.99
C THR A 167 23.03 -0.80 0.24
N ARG A 168 24.28 -0.37 0.01
CA ARG A 168 25.07 0.26 1.07
C ARG A 168 25.10 1.78 0.93
N GLU A 169 24.65 2.28 -0.23
CA GLU A 169 24.57 3.70 -0.50
C GLU A 169 23.38 4.04 -1.34
N PRO A 170 22.84 5.24 -1.21
CA PRO A 170 21.71 5.59 -2.05
C PRO A 170 22.09 5.82 -3.49
N ALA A 171 21.20 5.40 -4.38
CA ALA A 171 21.35 5.63 -5.79
C ALA A 171 19.99 5.96 -6.34
N GLY A 172 19.92 7.09 -7.07
CA GLY A 172 18.69 7.52 -7.68
C GLY A 172 17.88 8.51 -6.84
N THR A 173 17.05 9.31 -7.49
CA THR A 173 16.25 10.33 -6.79
C THR A 173 14.79 10.27 -7.15
N GLY A 174 14.38 9.21 -7.84
CA GLY A 174 12.98 9.02 -8.12
C GLY A 174 12.26 8.36 -6.95
N GLY A 175 10.95 8.19 -7.05
CA GLY A 175 10.17 7.59 -5.98
C GLY A 175 10.30 8.36 -4.68
N PHE A 176 10.23 7.62 -3.57
CA PHE A 176 10.29 8.19 -2.23
C PHE A 176 10.72 7.14 -1.22
N GLY A 177 10.84 7.53 0.05
CA GLY A 177 11.07 6.60 1.13
C GLY A 177 12.41 5.90 0.97
N TYR A 178 12.41 4.56 1.05
CA TYR A 178 13.61 3.77 0.95
C TYR A 178 14.01 3.43 -0.46
N ASP A 179 13.30 3.98 -1.43
CA ASP A 179 13.53 3.61 -2.82
C ASP A 179 15.02 3.73 -3.23
N PRO A 180 15.74 4.77 -2.81
CA PRO A 180 17.16 4.89 -3.19
C PRO A 180 18.11 3.83 -2.66
N ILE A 181 17.66 3.00 -1.69
CA ILE A 181 18.49 1.94 -1.18
C ILE A 181 17.90 0.57 -1.42
N PHE A 182 16.83 0.51 -2.23
CA PHE A 182 16.18 -0.75 -2.54
C PHE A 182 16.60 -1.20 -3.95
N PHE A 183 17.64 -2.03 -4.03
CA PHE A 183 18.09 -2.54 -5.31
C PHE A 183 17.21 -3.67 -5.83
N VAL A 184 16.89 -3.64 -7.12
CA VAL A 184 16.07 -4.65 -7.76
C VAL A 184 16.93 -5.41 -8.75
N PRO A 185 17.44 -6.57 -8.33
CA PRO A 185 18.34 -7.32 -9.22
C PRO A 185 17.80 -7.55 -10.65
N SER A 186 16.52 -7.85 -10.81
CA SER A 186 16.02 -8.10 -12.14
C SER A 186 16.16 -6.88 -13.05
N GLU A 187 16.28 -5.70 -12.45
CA GLU A 187 16.38 -4.48 -13.24
C GLU A 187 17.75 -3.89 -13.21
N GLY A 188 18.61 -4.43 -12.37
CA GLY A 188 19.96 -3.92 -12.19
C GLY A 188 20.04 -2.47 -11.73
N LYS A 189 19.04 -1.99 -10.99
CA LYS A 189 19.06 -0.64 -10.45
C LYS A 189 18.13 -0.55 -9.28
N THR A 190 18.14 0.59 -8.60
CA THR A 190 17.25 0.71 -7.46
C THR A 190 15.89 1.20 -7.88
N ALA A 191 14.97 1.15 -6.94
CA ALA A 191 13.62 1.60 -7.15
C ALA A 191 13.61 3.09 -7.48
N ALA A 192 14.55 3.84 -6.91
CA ALA A 192 14.63 5.27 -7.19
C ALA A 192 15.23 5.52 -8.56
N GLU A 193 15.90 4.53 -9.13
CA GLU A 193 16.46 4.70 -10.47
C GLU A 193 15.45 4.39 -11.58
N LEU A 194 14.38 3.71 -11.25
CA LEU A 194 13.31 3.37 -12.17
C LEU A 194 12.46 4.61 -12.39
N THR A 195 11.84 4.68 -13.55
CA THR A 195 10.86 5.71 -13.78
C THR A 195 9.59 5.28 -13.06
N ARG A 196 8.64 6.20 -13.01
CA ARG A 196 7.37 5.94 -12.38
C ARG A 196 6.64 4.78 -13.06
N GLU A 197 6.68 4.76 -14.39
CA GLU A 197 5.98 3.74 -15.16
C GLU A 197 6.65 2.41 -14.93
N GLU A 198 7.97 2.43 -14.88
CA GLU A 198 8.73 1.24 -14.65
C GLU A 198 8.43 0.69 -13.29
N LYS A 199 8.51 1.53 -12.26
CA LYS A 199 8.27 1.11 -10.86
C LYS A 199 6.84 0.64 -10.73
N SER A 200 5.89 1.41 -11.27
CA SER A 200 4.48 1.08 -11.21
C SER A 200 4.12 -0.25 -11.84
N ALA A 201 4.90 -0.66 -12.82
CA ALA A 201 4.68 -1.93 -13.53
C ALA A 201 5.05 -3.19 -12.73
N ILE A 202 5.97 -3.08 -11.77
CA ILE A 202 6.49 -4.24 -11.02
C ILE A 202 6.44 -4.13 -9.50
N SER A 203 5.99 -3.01 -8.99
CA SER A 203 6.07 -2.80 -7.56
C SER A 203 5.07 -3.56 -6.73
N HIS A 204 5.30 -3.51 -5.43
CA HIS A 204 4.37 -4.07 -4.48
C HIS A 204 2.96 -3.51 -4.63
N ARG A 205 2.84 -2.22 -4.88
CA ARG A 205 1.52 -1.65 -5.05
C ARG A 205 0.88 -2.09 -6.36
N GLY A 206 1.68 -2.15 -7.43
CA GLY A 206 1.16 -2.68 -8.67
C GLY A 206 0.61 -4.09 -8.52
N GLN A 207 1.36 -4.94 -7.82
CA GLN A 207 0.95 -6.30 -7.63
C GLN A 207 -0.31 -6.38 -6.78
N ALA A 208 -0.42 -5.54 -5.77
CA ALA A 208 -1.61 -5.58 -4.94
C ALA A 208 -2.85 -5.13 -5.74
N LEU A 209 -2.70 -4.11 -6.55
CA LEU A 209 -3.83 -3.69 -7.40
C LEU A 209 -4.26 -4.75 -8.39
N LYS A 210 -3.28 -5.43 -9.00
CA LYS A 210 -3.61 -6.46 -9.93
C LYS A 210 -4.43 -7.54 -9.26
N LEU A 211 -4.05 -7.89 -8.03
CA LEU A 211 -4.75 -8.87 -7.24
C LEU A 211 -6.16 -8.37 -7.01
N LEU A 212 -6.31 -7.11 -6.63
CA LEU A 212 -7.63 -6.60 -6.36
C LEU A 212 -8.51 -6.70 -7.58
N LEU A 213 -7.96 -6.50 -8.75
N LEU A 213 -8.00 -6.01 -8.61
CA LEU A 213 -8.78 -6.73 -9.92
CA LEU A 213 -8.60 -5.75 -9.94
C LEU A 213 -9.18 -8.22 -10.07
C LEU A 213 -8.95 -6.99 -10.68
N ASP A 214 -8.25 -9.14 -9.87
N ASP A 214 -8.04 -7.94 -10.67
CA ASP A 214 -8.52 -10.57 -10.06
CA ASP A 214 -8.33 -9.22 -11.26
C ASP A 214 -9.60 -11.12 -9.13
C ASP A 214 -9.42 -9.86 -10.40
N ALA A 215 -9.51 -10.77 -7.85
N ALA A 215 -9.32 -9.68 -9.09
CA ALA A 215 -10.47 -11.24 -6.86
CA ALA A 215 -10.27 -10.30 -8.17
C ALA A 215 -11.88 -10.82 -7.21
C ALA A 215 -11.65 -9.68 -8.28
N LEU A 216 -12.08 -9.55 -7.58
N LEU A 216 -11.72 -8.38 -8.55
CA LEU A 216 -13.41 -9.06 -7.98
CA LEU A 216 -13.04 -7.81 -8.73
C LEU A 216 -13.90 -9.70 -9.26
C LEU A 216 -13.55 -8.38 -10.06
N ARG A 217 -13.02 -9.87 -10.22
N ARG A 217 -13.24 -9.68 -10.22
CA ARG A 217 -13.43 -10.49 -11.46
CA ARG A 217 -13.59 -10.44 -11.43
C ARG A 217 -13.66 -11.99 -11.33
C ARG A 217 -13.65 -11.98 -11.34
N ASN A 218 -12.95 -12.61 -10.39
CA ASN A 218 -12.99 -14.08 -10.30
C ASN A 218 -13.39 -14.73 -8.97
N GLY A 219 -13.45 -16.07 -9.00
CA GLY A 219 -13.84 -16.77 -7.78
C GLY A 219 -13.42 -18.22 -7.74
#